data_5L73
#
_entry.id   5L73
#
_cell.length_a   46.172
_cell.length_b   59.558
_cell.length_c   136.654
_cell.angle_alpha   90.00
_cell.angle_beta   90.00
_cell.angle_gamma   90.00
#
_symmetry.space_group_name_H-M   'P 21 21 21'
#
loop_
_entity.id
_entity.type
_entity.pdbx_description
1 polymer Neuropilin-1
2 non-polymer 'CALCIUM ION'
3 non-polymer BICINE
4 non-polymer TRIS(HYDROXYETHYL)AMINOMETHANE
5 water water
#
_entity_poly.entity_id   1
_entity_poly.type   'polypeptide(L)'
_entity_poly.pdbx_seq_one_letter_code
;ADEKPDVIDDDIQDEFPDYGFNCEFGWGSHKTFCHWEHDNHVQLKWSVLTSKTGPIQDHTGDGNFIYSQADENQKGKVAR
LVSPVVYSQNSAHCMTFWYHMSGSHVGTLRVKLRYQKPEEYDQLVWMAIGHQGDHWKEGRVLLHKSLKLYQVIFEGEIGK
GNLGGIAVDDISINNHISQEDCAKPAHHHHHH
;
_entity_poly.pdbx_strand_id   A,B
#
loop_
_chem_comp.id
_chem_comp.type
_chem_comp.name
_chem_comp.formula
BCN non-polymer BICINE 'C6 H13 N O4'
CA non-polymer 'CALCIUM ION' 'Ca 2'
TAM non-polymer TRIS(HYDROXYETHYL)AMINOMETHANE 'C7 H17 N O3'
#
# COMPACT_ATOMS: atom_id res chain seq x y z
N GLN A 13 -9.94 -24.20 -4.66
CA GLN A 13 -9.04 -24.28 -5.84
C GLN A 13 -8.64 -22.88 -6.38
N ASP A 14 -9.63 -21.98 -6.50
CA ASP A 14 -9.44 -20.64 -7.08
C ASP A 14 -9.56 -19.46 -6.08
N GLU A 15 -9.96 -19.73 -4.83
CA GLU A 15 -10.03 -18.71 -3.77
C GLU A 15 -9.06 -18.97 -2.58
N PHE A 16 -8.12 -19.89 -2.76
CA PHE A 16 -7.18 -20.28 -1.71
C PHE A 16 -6.37 -19.12 -1.10
N PRO A 17 -5.93 -18.10 -1.91
CA PRO A 17 -5.12 -17.01 -1.32
C PRO A 17 -5.75 -16.33 -0.10
N ASP A 18 -7.06 -16.09 -0.11
CA ASP A 18 -7.72 -15.48 1.05
C ASP A 18 -8.05 -16.47 2.17
N TYR A 19 -7.64 -17.73 2.05
CA TYR A 19 -7.77 -18.70 3.15
C TYR A 19 -6.52 -18.86 4.00
N GLY A 20 -5.65 -17.85 4.00
CA GLY A 20 -4.49 -17.86 4.86
C GLY A 20 -3.16 -17.55 4.17
N PHE A 21 -3.13 -17.56 2.83
CA PHE A 21 -1.91 -17.19 2.09
C PHE A 21 -1.68 -15.67 2.07
N ASN A 22 -2.62 -14.92 1.55
CA ASN A 22 -2.50 -13.46 1.60
C ASN A 22 -2.38 -13.02 3.06
N CYS A 23 -1.42 -12.15 3.37
CA CYS A 23 -1.17 -11.75 4.76
C CYS A 23 -0.60 -10.35 4.93
N GLU A 24 -1.32 -9.54 5.70
CA GLU A 24 -0.91 -8.21 6.10
C GLU A 24 -0.31 -8.20 7.54
N PHE A 25 -0.38 -9.36 8.21
CA PHE A 25 0.14 -9.60 9.57
C PHE A 25 -0.68 -8.95 10.68
N GLY A 26 -1.95 -8.67 10.35
CA GLY A 26 -2.93 -8.16 11.27
C GLY A 26 -2.96 -6.67 11.42
N TRP A 27 -3.51 -6.23 12.53
CA TRP A 27 -3.64 -4.83 12.84
C TRP A 27 -3.69 -4.64 14.36
N GLY A 28 -2.87 -3.70 14.88
CA GLY A 28 -2.86 -3.30 16.27
C GLY A 28 -2.41 -4.49 17.08
N SER A 29 -3.07 -4.79 18.20
CA SER A 29 -2.67 -5.95 18.97
C SER A 29 -3.19 -7.31 18.43
N HIS A 30 -3.93 -7.33 17.30
CA HIS A 30 -4.08 -8.58 16.54
C HIS A 30 -2.83 -8.86 15.67
N LYS A 31 -1.87 -9.57 16.25
CA LYS A 31 -0.65 -9.97 15.53
C LYS A 31 -0.80 -11.39 15.06
N THR A 32 -0.67 -11.60 13.76
CA THR A 32 -0.93 -12.88 13.16
C THR A 32 0.01 -13.14 11.99
N PHE A 33 0.30 -14.41 11.76
CA PHE A 33 0.96 -14.85 10.57
C PHE A 33 -0.04 -15.47 9.61
N CYS A 34 -1.35 -15.28 9.84
CA CYS A 34 -2.39 -15.82 8.93
C CYS A 34 -2.21 -17.34 8.93
N HIS A 35 -2.10 -18.04 7.80
CA HIS A 35 -1.82 -19.50 7.85
C HIS A 35 -0.35 -19.87 7.58
N TRP A 36 0.55 -18.89 7.65
CA TRP A 36 1.97 -19.16 7.47
C TRP A 36 2.51 -19.71 8.79
N GLU A 37 3.49 -20.61 8.72
CA GLU A 37 4.04 -21.27 9.92
C GLU A 37 5.54 -21.13 10.00
N HIS A 38 6.04 -21.05 11.21
CA HIS A 38 7.45 -21.03 11.50
C HIS A 38 8.00 -22.39 11.18
N ASP A 39 9.14 -22.44 10.53
CA ASP A 39 9.88 -23.68 10.44
C ASP A 39 10.55 -23.87 11.81
N ASN A 40 10.30 -25.03 12.41
CA ASN A 40 10.81 -25.35 13.73
C ASN A 40 12.20 -26.00 13.75
N HIS A 41 12.70 -26.45 12.59
CA HIS A 41 14.02 -27.04 12.52
CA HIS A 41 14.03 -27.04 12.47
C HIS A 41 15.10 -25.96 12.61
N VAL A 42 14.71 -24.72 12.40
CA VAL A 42 15.60 -23.58 12.31
C VAL A 42 15.64 -22.85 13.67
N GLN A 43 16.73 -22.16 13.99
CA GLN A 43 16.91 -21.55 15.33
C GLN A 43 16.05 -20.29 15.59
N LEU A 44 15.98 -19.38 14.63
CA LEU A 44 15.27 -18.12 14.82
C LEU A 44 13.90 -18.11 14.21
N LYS A 45 13.11 -17.11 14.58
CA LYS A 45 11.76 -16.90 14.07
C LYS A 45 11.57 -15.43 13.68
N TRP A 46 10.69 -15.18 12.72
CA TRP A 46 10.25 -13.85 12.42
C TRP A 46 9.34 -13.39 13.56
N SER A 47 9.31 -12.08 13.83
CA SER A 47 8.37 -11.49 14.80
C SER A 47 7.46 -10.53 14.09
N VAL A 48 6.20 -10.48 14.54
CA VAL A 48 5.23 -9.50 14.06
C VAL A 48 5.35 -8.28 14.97
N LEU A 49 5.58 -7.11 14.38
CA LEU A 49 5.61 -5.84 15.11
C LEU A 49 4.43 -4.97 14.74
N THR A 50 4.00 -4.16 15.71
CA THR A 50 3.01 -3.12 15.48
C THR A 50 3.73 -1.82 15.11
N SER A 51 3.23 -1.10 14.12
CA SER A 51 3.84 0.16 13.68
C SER A 51 3.61 1.17 14.78
N LYS A 52 4.68 1.66 15.39
CA LYS A 52 4.58 2.71 16.43
C LYS A 52 5.40 3.95 16.07
N THR A 53 6.72 3.75 15.99
CA THR A 53 7.68 4.80 15.75
C THR A 53 8.86 4.22 14.98
N GLY A 54 9.72 5.12 14.53
CA GLY A 54 10.89 4.75 13.79
C GLY A 54 10.55 4.80 12.33
N PRO A 55 11.53 4.65 11.46
CA PRO A 55 11.35 4.73 10.03
C PRO A 55 10.76 3.47 9.37
N ILE A 56 10.67 2.35 10.10
CA ILE A 56 10.08 1.12 9.55
C ILE A 56 8.68 0.93 10.10
N GLN A 57 7.69 1.24 9.25
CA GLN A 57 6.30 1.07 9.59
C GLN A 57 5.45 0.76 8.37
N ASP A 58 4.32 0.15 8.65
CA ASP A 58 3.24 0.00 7.70
C ASP A 58 2.42 1.28 7.83
N HIS A 59 2.98 2.40 7.35
CA HIS A 59 2.48 3.76 7.66
C HIS A 59 1.11 3.97 7.09
N THR A 60 0.90 3.42 5.90
CA THR A 60 -0.23 3.73 5.10
C THR A 60 -1.49 3.02 5.63
N GLY A 61 -1.33 1.83 6.21
CA GLY A 61 -2.44 1.16 6.92
C GLY A 61 -2.48 1.31 8.44
N ASP A 62 -1.47 1.94 9.04
CA ASP A 62 -1.20 1.89 10.51
C ASP A 62 -1.10 0.45 11.02
N GLY A 63 -0.46 -0.41 10.24
CA GLY A 63 -0.64 -1.84 10.37
C GLY A 63 0.54 -2.53 11.00
N ASN A 64 0.55 -3.84 10.86
CA ASN A 64 1.62 -4.65 11.38
C ASN A 64 2.50 -5.09 10.23
N PHE A 65 3.69 -5.60 10.58
CA PHE A 65 4.60 -6.22 9.65
C PHE A 65 5.47 -7.25 10.37
N ILE A 66 6.30 -7.97 9.62
CA ILE A 66 7.25 -8.92 10.21
C ILE A 66 8.68 -8.42 10.10
N TYR A 67 9.51 -8.86 11.04
CA TYR A 67 10.86 -8.32 11.23
C TYR A 67 11.82 -9.37 11.73
N SER A 68 13.03 -9.35 11.17
CA SER A 68 14.15 -10.18 11.62
CA SER A 68 14.14 -10.20 11.60
C SER A 68 15.30 -9.26 11.93
N GLN A 69 15.52 -9.05 13.24
CA GLN A 69 16.52 -8.12 13.72
C GLN A 69 17.93 -8.57 13.34
N ALA A 70 18.76 -7.62 12.89
CA ALA A 70 20.22 -7.87 12.78
C ALA A 70 20.85 -8.01 14.17
N ASP A 71 21.79 -8.93 14.29
CA ASP A 71 22.43 -9.23 15.56
C ASP A 71 23.67 -10.04 15.24
N GLU A 72 24.83 -9.43 15.50
CA GLU A 72 26.12 -10.05 15.18
C GLU A 72 26.34 -11.41 15.82
N ASN A 73 25.69 -11.62 16.98
CA ASN A 73 25.76 -12.90 17.69
C ASN A 73 25.04 -14.06 17.05
N GLN A 74 24.08 -13.76 16.14
CA GLN A 74 23.33 -14.79 15.39
C GLN A 74 23.63 -14.77 13.88
N LYS A 75 24.62 -13.98 13.47
CA LYS A 75 25.04 -13.87 12.06
C LYS A 75 24.93 -15.18 11.30
N GLY A 76 24.20 -15.19 10.17
CA GLY A 76 24.15 -16.36 9.31
C GLY A 76 23.07 -17.39 9.66
N LYS A 77 22.51 -17.32 10.86
CA LYS A 77 21.33 -18.12 11.19
C LYS A 77 20.14 -17.57 10.42
N VAL A 78 19.06 -18.34 10.33
CA VAL A 78 17.89 -17.95 9.55
C VAL A 78 16.58 -18.13 10.32
N ALA A 79 15.62 -17.27 10.02
CA ALA A 79 14.24 -17.47 10.37
C ALA A 79 13.56 -17.83 9.04
N ARG A 80 12.63 -18.78 9.11
CA ARG A 80 11.91 -19.31 7.97
C ARG A 80 10.41 -19.37 8.20
N LEU A 81 9.67 -18.62 7.40
CA LEU A 81 8.20 -18.63 7.46
C LEU A 81 7.69 -19.37 6.23
N VAL A 82 6.79 -20.33 6.45
CA VAL A 82 6.37 -21.31 5.46
C VAL A 82 4.90 -21.15 5.18
N SER A 83 4.55 -20.93 3.93
CA SER A 83 3.18 -20.61 3.54
C SER A 83 2.31 -21.86 3.53
N PRO A 84 0.99 -21.67 3.41
CA PRO A 84 0.20 -22.83 3.10
C PRO A 84 0.57 -23.28 1.68
N VAL A 85 0.14 -24.49 1.33
CA VAL A 85 0.36 -25.08 0.03
C VAL A 85 -0.24 -24.22 -1.07
N VAL A 86 0.56 -23.94 -2.10
CA VAL A 86 0.09 -23.19 -3.27
C VAL A 86 -0.56 -24.17 -4.22
N TYR A 87 -1.74 -23.83 -4.72
CA TYR A 87 -2.43 -24.70 -5.68
C TYR A 87 -2.09 -24.21 -7.06
N SER A 88 -1.13 -24.88 -7.66
CA SER A 88 -0.43 -24.47 -8.85
C SER A 88 -0.58 -25.44 -10.01
N GLN A 89 -1.42 -26.47 -9.88
CA GLN A 89 -1.59 -27.48 -10.95
C GLN A 89 -2.23 -26.89 -12.21
N ASN A 90 -3.12 -25.92 -12.02
CA ASN A 90 -3.86 -25.30 -13.11
C ASN A 90 -3.35 -23.94 -13.56
N SER A 91 -2.64 -23.20 -12.71
CA SER A 91 -2.11 -21.89 -13.11
C SER A 91 -0.89 -21.42 -12.33
N ALA A 92 -0.19 -20.45 -12.92
CA ALA A 92 0.82 -19.66 -12.24
C ALA A 92 0.13 -18.54 -11.46
N HIS A 93 0.79 -17.99 -10.45
CA HIS A 93 0.31 -16.79 -9.74
C HIS A 93 1.43 -15.80 -9.54
N CYS A 94 1.12 -14.52 -9.56
CA CYS A 94 2.07 -13.48 -9.21
C CYS A 94 1.94 -13.17 -7.71
N MET A 95 3.00 -13.45 -6.97
CA MET A 95 3.10 -13.05 -5.59
C MET A 95 3.86 -11.73 -5.48
N THR A 96 3.20 -10.73 -4.91
CA THR A 96 3.82 -9.46 -4.61
C THR A 96 4.03 -9.37 -3.09
N PHE A 97 5.03 -8.61 -2.65
CA PHE A 97 5.28 -8.38 -1.21
C PHE A 97 6.16 -7.15 -1.06
N TRP A 98 6.28 -6.65 0.15
CA TRP A 98 7.07 -5.50 0.41
C TRP A 98 8.17 -5.85 1.39
N TYR A 99 9.30 -5.17 1.28
CA TYR A 99 10.44 -5.48 2.10
C TYR A 99 11.17 -4.22 2.32
N HIS A 100 11.90 -4.19 3.44
CA HIS A 100 12.65 -3.07 3.89
C HIS A 100 13.98 -3.60 4.42
N MET A 101 15.05 -3.24 3.71
CA MET A 101 16.41 -3.68 3.99
C MET A 101 17.39 -2.52 3.91
N SER A 102 17.59 -1.89 5.06
CA SER A 102 18.43 -0.72 5.19
C SER A 102 19.60 -0.98 6.15
N GLY A 103 20.81 -0.65 5.73
CA GLY A 103 22.03 -1.12 6.35
C GLY A 103 22.83 -2.07 5.48
N SER A 104 24.14 -1.80 5.36
CA SER A 104 25.06 -2.68 4.63
C SER A 104 25.11 -4.10 5.17
N HIS A 105 24.82 -4.29 6.44
CA HIS A 105 24.88 -5.62 7.04
C HIS A 105 23.53 -6.00 7.62
N VAL A 106 22.46 -5.60 6.93
CA VAL A 106 21.08 -5.83 7.41
C VAL A 106 20.71 -7.32 7.32
N GLY A 107 21.44 -8.06 6.50
CA GLY A 107 21.25 -9.50 6.32
C GLY A 107 20.85 -9.82 4.89
N THR A 108 20.29 -11.00 4.70
CA THR A 108 19.90 -11.46 3.37
C THR A 108 18.46 -11.93 3.41
N LEU A 109 17.69 -11.59 2.39
CA LEU A 109 16.31 -12.06 2.29
C LEU A 109 16.17 -13.04 1.14
N ARG A 110 15.64 -14.23 1.41
CA ARG A 110 15.46 -15.25 0.39
C ARG A 110 14.01 -15.65 0.28
N VAL A 111 13.54 -15.84 -0.95
CA VAL A 111 12.25 -16.50 -1.19
C VAL A 111 12.53 -17.83 -1.87
N LYS A 112 12.07 -18.92 -1.27
CA LYS A 112 12.23 -20.27 -1.80
C LYS A 112 10.88 -20.93 -2.01
N LEU A 113 10.84 -21.93 -2.89
CA LEU A 113 9.70 -22.80 -3.01
C LEU A 113 10.09 -24.15 -2.43
N ARG A 114 9.34 -24.63 -1.46
CA ARG A 114 9.59 -25.92 -0.83
C ARG A 114 8.62 -26.87 -1.45
N TYR A 115 9.10 -27.77 -2.30
CA TYR A 115 8.26 -28.72 -2.97
C TYR A 115 7.83 -29.79 -1.97
N GLN A 116 6.64 -30.34 -2.17
CA GLN A 116 6.03 -31.27 -1.23
C GLN A 116 6.77 -32.59 -1.16
N LYS A 117 6.71 -33.22 0.01
CA LYS A 117 7.06 -34.65 0.17
C LYS A 117 6.42 -35.52 -0.90
N PRO A 118 6.82 -36.80 -0.92
CA PRO A 118 8.20 -37.25 -1.06
C PRO A 118 9.13 -36.53 -2.02
N GLU A 119 10.44 -36.74 -1.81
CA GLU A 119 11.47 -36.02 -2.53
C GLU A 119 11.22 -34.49 -2.48
N GLU A 120 11.13 -34.01 -1.26
CA GLU A 120 11.08 -32.60 -0.89
C GLU A 120 12.37 -31.94 -1.33
N TYR A 121 12.29 -30.72 -1.85
CA TYR A 121 13.48 -29.88 -2.00
C TYR A 121 13.09 -28.42 -2.08
N ASP A 122 14.09 -27.58 -1.88
CA ASP A 122 13.92 -26.13 -1.79
C ASP A 122 14.56 -25.49 -2.96
N GLN A 123 13.77 -24.75 -3.73
CA GLN A 123 14.26 -24.03 -4.88
C GLN A 123 14.28 -22.54 -4.54
N LEU A 124 15.47 -21.95 -4.59
CA LEU A 124 15.64 -20.52 -4.48
C LEU A 124 15.17 -19.79 -5.73
N VAL A 125 14.35 -18.76 -5.55
CA VAL A 125 13.82 -18.00 -6.67
C VAL A 125 14.02 -16.47 -6.56
N TRP A 126 14.37 -15.96 -5.39
CA TRP A 126 14.51 -14.50 -5.19
C TRP A 126 15.46 -14.28 -4.01
N MET A 127 16.47 -13.45 -4.18
CA MET A 127 17.36 -13.13 -3.05
C MET A 127 17.83 -11.72 -3.14
N ALA A 128 17.82 -11.04 -1.99
CA ALA A 128 18.38 -9.72 -1.85
C ALA A 128 19.36 -9.80 -0.69
N ILE A 129 20.52 -9.21 -0.90
CA ILE A 129 21.66 -9.22 0.03
C ILE A 129 21.97 -7.78 0.41
N GLY A 130 22.01 -7.49 1.71
CA GLY A 130 22.50 -6.22 2.19
C GLY A 130 21.61 -5.03 1.89
N HIS A 131 22.22 -3.87 1.78
CA HIS A 131 21.46 -2.62 1.69
C HIS A 131 20.69 -2.46 0.39
N GLN A 132 19.37 -2.34 0.50
CA GLN A 132 18.48 -2.12 -0.63
C GLN A 132 17.98 -0.66 -0.70
N GLY A 133 18.03 0.07 0.37
CA GLY A 133 17.59 1.45 0.38
C GLY A 133 16.87 1.70 1.69
N ASP A 134 16.70 2.97 2.02
CA ASP A 134 16.04 3.45 3.22
C ASP A 134 14.55 3.63 3.03
N HIS A 135 13.90 2.62 2.48
CA HIS A 135 12.52 2.72 2.12
C HIS A 135 12.00 1.34 1.77
N TRP A 136 10.69 1.19 1.87
CA TRP A 136 10.00 0.00 1.43
C TRP A 136 10.08 -0.18 -0.09
N LYS A 137 10.36 -1.41 -0.53
CA LYS A 137 10.32 -1.78 -1.92
C LYS A 137 9.39 -2.97 -2.13
N GLU A 138 8.87 -3.08 -3.35
CA GLU A 138 7.96 -4.14 -3.70
C GLU A 138 8.74 -5.23 -4.40
N GLY A 139 8.68 -6.46 -3.90
CA GLY A 139 9.17 -7.63 -4.64
C GLY A 139 8.06 -8.31 -5.45
N ARG A 140 8.42 -8.95 -6.56
CA ARG A 140 7.51 -9.85 -7.32
C ARG A 140 8.18 -11.16 -7.68
N VAL A 141 7.45 -12.24 -7.49
CA VAL A 141 7.93 -13.57 -7.77
C VAL A 141 6.80 -14.29 -8.48
N LEU A 142 7.08 -14.88 -9.64
CA LEU A 142 6.11 -15.68 -10.37
C LEU A 142 6.08 -17.12 -9.79
N LEU A 143 4.96 -17.50 -9.21
CA LEU A 143 4.74 -18.85 -8.66
C LEU A 143 4.26 -19.72 -9.81
N HIS A 144 5.17 -20.45 -10.41
CA HIS A 144 4.88 -21.12 -11.67
C HIS A 144 3.87 -22.24 -11.52
N LYS A 145 3.27 -22.60 -12.65
CA LYS A 145 2.41 -23.77 -12.75
C LYS A 145 3.26 -25.00 -12.53
N SER A 146 2.79 -25.90 -11.69
CA SER A 146 3.54 -27.10 -11.30
C SER A 146 2.57 -28.23 -10.90
N LEU A 147 2.83 -29.45 -11.38
CA LEU A 147 2.08 -30.63 -10.92
C LEU A 147 2.49 -30.99 -9.52
N LYS A 148 3.79 -30.94 -9.24
CA LYS A 148 4.32 -31.09 -7.88
C LYS A 148 4.00 -29.82 -7.10
N LEU A 149 3.28 -29.99 -6.00
CA LEU A 149 2.85 -28.88 -5.17
C LEU A 149 4.00 -28.30 -4.33
N TYR A 150 3.88 -27.03 -3.97
CA TYR A 150 4.92 -26.39 -3.18
C TYR A 150 4.37 -25.37 -2.23
N GLN A 151 5.20 -24.98 -1.28
CA GLN A 151 4.93 -23.90 -0.36
C GLN A 151 5.95 -22.82 -0.59
N VAL A 152 5.58 -21.58 -0.34
CA VAL A 152 6.51 -20.48 -0.44
C VAL A 152 7.17 -20.30 0.92
N ILE A 153 8.47 -20.02 0.90
CA ILE A 153 9.21 -19.75 2.13
CA ILE A 153 9.27 -19.79 2.11
C ILE A 153 9.79 -18.36 2.05
N PHE A 154 9.54 -17.60 3.11
CA PHE A 154 10.24 -16.33 3.34
C PHE A 154 11.33 -16.54 4.39
N GLU A 155 12.57 -16.39 3.95
CA GLU A 155 13.73 -16.71 4.73
C GLU A 155 14.65 -15.50 4.98
N GLY A 156 14.83 -15.19 6.27
CA GLY A 156 15.58 -14.03 6.69
C GLY A 156 16.86 -14.51 7.32
N GLU A 157 18.00 -14.16 6.73
CA GLU A 157 19.31 -14.53 7.25
C GLU A 157 19.81 -13.34 8.04
N ILE A 158 20.16 -13.59 9.31
CA ILE A 158 20.54 -12.53 10.25
C ILE A 158 21.85 -11.91 9.79
N GLY A 159 21.82 -10.59 9.62
CA GLY A 159 23.01 -9.84 9.29
C GLY A 159 23.81 -9.54 10.54
N LYS A 160 25.09 -9.21 10.36
CA LYS A 160 25.91 -8.80 11.49
C LYS A 160 25.75 -7.33 11.87
N GLY A 161 24.93 -6.58 11.13
CA GLY A 161 24.55 -5.23 11.51
C GLY A 161 24.12 -5.16 12.97
N ASN A 162 24.36 -3.99 13.59
CA ASN A 162 24.01 -3.76 15.00
C ASN A 162 22.69 -3.01 15.14
N LEU A 163 22.33 -2.22 14.13
CA LEU A 163 21.05 -1.54 14.06
C LEU A 163 20.16 -2.11 12.94
N GLY A 164 18.86 -2.12 13.16
CA GLY A 164 17.92 -2.47 12.15
C GLY A 164 17.78 -3.97 11.86
N GLY A 165 17.36 -4.28 10.65
CA GLY A 165 16.84 -5.60 10.34
C GLY A 165 15.99 -5.64 9.09
N ILE A 166 15.66 -6.85 8.67
CA ILE A 166 14.88 -7.06 7.49
C ILE A 166 13.43 -6.99 7.94
N ALA A 167 12.65 -6.14 7.30
CA ALA A 167 11.20 -6.16 7.48
C ALA A 167 10.51 -6.62 6.21
N VAL A 168 9.37 -7.29 6.38
CA VAL A 168 8.52 -7.71 5.27
C VAL A 168 7.06 -7.43 5.64
N ASP A 169 6.24 -7.18 4.61
CA ASP A 169 4.81 -6.99 4.82
C ASP A 169 4.02 -7.31 3.56
N ASP A 170 2.72 -7.49 3.79
CA ASP A 170 1.74 -7.41 2.73
C ASP A 170 2.05 -8.37 1.59
N ILE A 171 2.09 -9.65 1.91
CA ILE A 171 2.29 -10.68 0.94
C ILE A 171 0.93 -10.97 0.33
N SER A 172 0.87 -11.01 -0.99
CA SER A 172 -0.34 -11.39 -1.66
C SER A 172 -0.16 -11.94 -3.05
N ILE A 173 -1.11 -12.77 -3.41
CA ILE A 173 -1.26 -13.20 -4.76
C ILE A 173 -2.19 -12.22 -5.46
N ASN A 174 -1.72 -11.74 -6.61
CA ASN A 174 -2.42 -10.78 -7.42
C ASN A 174 -2.57 -11.38 -8.81
N ASN A 175 -3.74 -11.92 -9.10
CA ASN A 175 -3.97 -12.62 -10.37
C ASN A 175 -4.22 -11.69 -11.58
N HIS A 176 -4.33 -10.38 -11.35
CA HIS A 176 -4.42 -9.41 -12.43
C HIS A 176 -3.08 -9.01 -13.06
N ILE A 177 -1.96 -9.28 -12.41
CA ILE A 177 -0.67 -9.08 -13.03
C ILE A 177 -0.39 -10.30 -13.90
N SER A 178 -0.03 -10.06 -15.15
CA SER A 178 0.35 -11.11 -16.08
C SER A 178 1.74 -11.59 -15.74
N GLN A 179 2.14 -12.69 -16.34
CA GLN A 179 3.41 -13.31 -16.00
C GLN A 179 4.59 -12.42 -16.40
N GLU A 180 4.50 -11.74 -17.53
CA GLU A 180 5.57 -10.83 -17.97
C GLU A 180 5.63 -9.58 -17.10
N ASP A 181 4.49 -9.07 -16.64
CA ASP A 181 4.49 -7.97 -15.68
C ASP A 181 4.84 -8.39 -14.22
N CYS A 182 4.89 -9.70 -13.94
CA CYS A 182 5.28 -10.21 -12.61
C CYS A 182 6.81 -10.21 -12.44
N ALA A 183 7.37 -9.02 -12.41
CA ALA A 183 8.82 -8.82 -12.49
C ALA A 183 9.13 -7.38 -12.12
N LYS A 184 10.33 -7.16 -11.58
CA LYS A 184 10.78 -5.81 -11.35
C LYS A 184 11.69 -5.40 -12.50
N PRO A 185 12.22 -4.16 -12.45
CA PRO A 185 12.13 -3.27 -13.59
C PRO A 185 10.87 -3.49 -14.47
N ALA A 186 9.75 -2.93 -14.03
CA ALA A 186 8.49 -3.01 -14.77
C ALA A 186 7.72 -1.68 -14.68
N GLU B 15 10.16 12.54 13.72
CA GLU B 15 8.96 12.07 12.96
C GLU B 15 9.13 12.40 11.44
N PHE B 16 8.28 13.26 10.87
CA PHE B 16 8.40 13.72 9.49
C PHE B 16 8.34 15.25 9.57
N PRO B 17 8.86 15.93 8.53
CA PRO B 17 8.76 17.40 8.51
C PRO B 17 7.31 17.88 8.46
N ASP B 18 7.01 19.02 9.08
CA ASP B 18 5.67 19.59 8.94
C ASP B 18 5.59 20.29 7.59
N TYR B 19 5.04 19.57 6.62
CA TYR B 19 4.82 20.11 5.29
C TYR B 19 3.45 20.82 5.16
N GLY B 20 2.57 20.67 6.16
CA GLY B 20 1.16 21.14 6.09
C GLY B 20 0.25 20.46 5.07
N PHE B 21 0.70 19.33 4.50
CA PHE B 21 0.02 18.70 3.36
C PHE B 21 -0.99 17.62 3.79
N ASN B 22 -0.70 16.91 4.88
CA ASN B 22 -1.52 15.73 5.24
C ASN B 22 -2.90 16.14 5.76
N CYS B 23 -3.90 15.27 5.58
CA CYS B 23 -5.20 15.51 6.17
C CYS B 23 -6.00 14.24 6.42
N GLU B 24 -6.49 14.12 7.65
CA GLU B 24 -7.43 13.09 8.09
C GLU B 24 -8.88 13.63 8.12
N PHE B 25 -9.04 14.94 7.91
CA PHE B 25 -10.30 15.67 7.96
C PHE B 25 -10.92 15.80 9.34
N GLY B 26 -10.07 15.68 10.36
CA GLY B 26 -10.45 15.82 11.77
C GLY B 26 -11.03 14.60 12.46
N TRP B 27 -11.82 14.84 13.48
CA TRP B 27 -12.44 13.80 14.29
C TRP B 27 -13.85 14.26 14.66
N GLY B 28 -14.57 13.46 15.44
CA GLY B 28 -16.00 13.68 15.71
C GLY B 28 -16.45 15.07 16.13
N SER B 29 -15.66 15.71 16.98
CA SER B 29 -15.96 17.07 17.44
C SER B 29 -15.23 18.16 16.64
N HIS B 30 -14.69 17.83 15.46
CA HIS B 30 -13.93 18.79 14.69
C HIS B 30 -13.76 18.34 13.24
N LYS B 31 -14.57 18.90 12.36
CA LYS B 31 -14.40 18.75 10.92
C LYS B 31 -13.41 19.79 10.40
N THR B 32 -12.48 19.36 9.58
CA THR B 32 -11.48 20.29 9.03
C THR B 32 -11.01 19.83 7.64
N PHE B 33 -10.62 20.81 6.84
CA PHE B 33 -9.91 20.55 5.57
C PHE B 33 -8.41 20.79 5.69
N CYS B 34 -7.90 20.92 6.90
CA CYS B 34 -6.49 21.19 7.17
C CYS B 34 -6.04 22.46 6.40
N HIS B 35 -4.95 22.41 5.62
CA HIS B 35 -4.54 23.57 4.82
C HIS B 35 -5.02 23.48 3.38
N TRP B 36 -5.92 22.55 3.06
CA TRP B 36 -6.47 22.45 1.72
C TRP B 36 -7.58 23.46 1.52
N GLU B 37 -7.83 23.84 0.27
CA GLU B 37 -8.82 24.85 -0.03
C GLU B 37 -9.72 24.40 -1.16
N HIS B 38 -10.94 24.94 -1.16
CA HIS B 38 -11.91 24.66 -2.20
C HIS B 38 -11.57 25.49 -3.41
N ASP B 39 -11.60 24.88 -4.58
CA ASP B 39 -11.33 25.62 -5.79
C ASP B 39 -12.55 26.49 -6.13
N ASN B 40 -12.28 27.74 -6.52
CA ASN B 40 -13.36 28.68 -6.85
C ASN B 40 -13.74 28.76 -8.34
N HIS B 41 -13.19 27.87 -9.17
CA HIS B 41 -13.55 27.79 -10.59
C HIS B 41 -14.63 26.73 -10.88
N VAL B 42 -15.08 26.00 -9.86
CA VAL B 42 -16.10 24.95 -10.04
C VAL B 42 -17.29 25.12 -9.08
N GLN B 43 -18.35 24.41 -9.38
CA GLN B 43 -19.68 24.68 -8.79
C GLN B 43 -19.92 24.04 -7.43
N LEU B 44 -19.25 22.93 -7.14
CA LEU B 44 -19.49 22.22 -5.91
C LEU B 44 -18.27 22.16 -5.04
N LYS B 45 -18.48 21.76 -3.78
CA LYS B 45 -17.36 21.39 -2.95
C LYS B 45 -17.53 20.07 -2.23
N TRP B 46 -16.39 19.53 -1.83
CA TRP B 46 -16.37 18.30 -1.06
C TRP B 46 -16.98 18.59 0.31
N SER B 47 -17.81 17.67 0.81
CA SER B 47 -18.33 17.71 2.18
C SER B 47 -17.45 16.91 3.11
N VAL B 48 -17.12 17.43 4.29
CA VAL B 48 -16.56 16.61 5.35
C VAL B 48 -17.71 15.98 6.09
N LEU B 49 -17.74 14.65 6.15
CA LEU B 49 -18.71 13.92 6.97
C LEU B 49 -18.05 13.28 8.20
N THR B 50 -18.82 13.14 9.27
CA THR B 50 -18.54 12.25 10.37
C THR B 50 -19.55 11.09 10.27
N SER B 51 -19.11 9.92 9.81
CA SER B 51 -19.99 8.75 9.68
C SER B 51 -19.48 7.63 10.54
N LYS B 52 -20.29 7.31 11.54
CA LYS B 52 -20.13 6.13 12.40
C LYS B 52 -21.26 5.12 12.15
N THR B 53 -21.94 5.25 11.02
CA THR B 53 -22.95 4.29 10.63
C THR B 53 -22.89 4.00 9.15
N GLY B 54 -23.59 2.95 8.73
CA GLY B 54 -23.66 2.58 7.34
C GLY B 54 -22.37 1.96 6.86
N PRO B 55 -22.27 1.74 5.55
CA PRO B 55 -21.14 0.96 4.99
C PRO B 55 -19.84 1.74 4.72
N ILE B 56 -19.85 3.07 4.70
CA ILE B 56 -18.62 3.85 4.49
C ILE B 56 -18.20 4.57 5.77
N GLN B 57 -17.13 4.09 6.43
CA GLN B 57 -16.65 4.66 7.68
C GLN B 57 -15.14 4.76 7.71
N ASP B 58 -14.64 5.61 8.60
CA ASP B 58 -13.22 5.71 8.95
C ASP B 58 -13.09 5.15 10.35
N HIS B 59 -12.88 3.84 10.40
CA HIS B 59 -12.65 3.12 11.65
C HIS B 59 -11.33 3.43 12.35
N THR B 60 -10.26 3.72 11.60
CA THR B 60 -8.96 4.03 12.22
C THR B 60 -8.84 5.46 12.75
N GLY B 61 -9.66 6.40 12.25
CA GLY B 61 -9.46 7.84 12.47
C GLY B 61 -10.64 8.60 13.06
N ASP B 62 -11.47 7.88 13.81
CA ASP B 62 -12.66 8.44 14.43
C ASP B 62 -13.71 9.04 13.49
N GLY B 63 -13.80 8.52 12.26
CA GLY B 63 -14.99 8.69 11.44
C GLY B 63 -15.11 9.79 10.41
N ASN B 64 -14.07 10.56 10.15
CA ASN B 64 -14.18 11.72 9.26
C ASN B 64 -13.52 11.45 7.89
N PHE B 65 -14.23 11.80 6.83
CA PHE B 65 -13.69 11.78 5.48
C PHE B 65 -14.40 12.83 4.63
N ILE B 66 -13.94 13.02 3.40
CA ILE B 66 -14.64 13.90 2.48
C ILE B 66 -15.47 13.06 1.54
N TYR B 67 -16.52 13.68 1.00
CA TYR B 67 -17.56 12.95 0.29
C TYR B 67 -18.17 13.81 -0.79
N SER B 68 -18.40 13.21 -1.96
CA SER B 68 -19.10 13.80 -3.09
CA SER B 68 -19.10 13.80 -3.09
C SER B 68 -20.27 12.88 -3.47
N GLN B 69 -21.46 13.27 -3.07
CA GLN B 69 -22.65 12.44 -3.19
C GLN B 69 -23.10 12.31 -4.64
N ALA B 70 -23.34 11.08 -5.09
CA ALA B 70 -23.95 10.85 -6.39
C ALA B 70 -25.34 11.46 -6.32
N ASP B 71 -25.74 12.13 -7.39
CA ASP B 71 -27.04 12.81 -7.44
C ASP B 71 -27.31 13.15 -8.88
N GLU B 72 -28.35 12.56 -9.48
CA GLU B 72 -28.68 12.84 -10.88
C GLU B 72 -28.90 14.32 -11.17
N ASN B 73 -29.39 15.05 -10.17
CA ASN B 73 -29.62 16.50 -10.27
C ASN B 73 -28.36 17.37 -10.36
N GLN B 74 -27.24 16.86 -9.85
CA GLN B 74 -25.96 17.56 -9.88
C GLN B 74 -25.01 16.93 -10.87
N LYS B 75 -25.47 15.92 -11.62
CA LYS B 75 -24.64 15.12 -12.53
C LYS B 75 -23.57 15.93 -13.26
N GLY B 76 -22.31 15.47 -13.21
CA GLY B 76 -21.24 16.06 -14.02
C GLY B 76 -20.72 17.43 -13.59
N LYS B 77 -21.25 17.98 -12.50
CA LYS B 77 -20.61 19.12 -11.83
C LYS B 77 -19.43 18.57 -11.05
N VAL B 78 -18.40 19.39 -10.83
CA VAL B 78 -17.23 18.96 -10.07
C VAL B 78 -16.95 19.78 -8.80
N ALA B 79 -16.37 19.08 -7.82
CA ALA B 79 -15.75 19.66 -6.65
C ALA B 79 -14.24 19.42 -6.76
N ARG B 80 -13.46 20.42 -6.36
CA ARG B 80 -12.01 20.36 -6.37
C ARG B 80 -11.42 20.87 -5.07
N LEU B 81 -10.65 20.03 -4.40
CA LEU B 81 -9.90 20.39 -3.22
C LEU B 81 -8.44 20.53 -3.64
N VAL B 82 -7.81 21.62 -3.21
CA VAL B 82 -6.54 22.09 -3.74
C VAL B 82 -5.55 22.16 -2.59
N SER B 83 -4.40 21.48 -2.75
CA SER B 83 -3.45 21.37 -1.64
C SER B 83 -2.61 22.62 -1.52
N PRO B 84 -1.91 22.79 -0.39
CA PRO B 84 -0.78 23.72 -0.41
C PRO B 84 0.26 23.34 -1.47
N VAL B 85 1.09 24.30 -1.83
CA VAL B 85 2.19 24.06 -2.78
C VAL B 85 3.07 22.92 -2.26
N VAL B 86 3.42 21.99 -3.13
CA VAL B 86 4.21 20.82 -2.73
C VAL B 86 5.69 21.25 -2.67
N TYR B 87 6.38 20.85 -1.59
CA TYR B 87 7.83 21.01 -1.47
C TYR B 87 8.48 19.95 -2.36
N SER B 88 8.64 20.28 -3.62
CA SER B 88 9.01 19.31 -4.66
C SER B 88 10.46 19.46 -5.15
N GLN B 89 11.26 20.31 -4.50
CA GLN B 89 12.53 20.76 -5.10
C GLN B 89 13.75 19.85 -4.84
N ASN B 90 13.80 19.23 -3.67
CA ASN B 90 14.90 18.32 -3.28
C ASN B 90 14.57 16.84 -3.43
N SER B 91 13.32 16.48 -3.17
CA SER B 91 12.87 15.09 -3.15
C SER B 91 11.56 14.93 -3.91
N ALA B 92 11.29 13.69 -4.29
CA ALA B 92 9.94 13.29 -4.65
C ALA B 92 9.23 12.83 -3.38
N HIS B 93 7.92 12.75 -3.45
CA HIS B 93 7.10 12.25 -2.36
C HIS B 93 6.15 11.26 -2.93
N CYS B 94 5.78 10.27 -2.13
CA CYS B 94 4.71 9.37 -2.48
C CYS B 94 3.46 9.84 -1.76
N MET B 95 2.45 10.24 -2.52
CA MET B 95 1.19 10.62 -1.94
C MET B 95 0.31 9.39 -1.86
N THR B 96 -0.16 9.06 -0.67
CA THR B 96 -1.11 7.96 -0.49
C THR B 96 -2.43 8.56 -0.06
N PHE B 97 -3.51 7.85 -0.39
CA PHE B 97 -4.84 8.24 0.00
C PHE B 97 -5.74 7.05 -0.12
N TRP B 98 -6.90 7.15 0.50
CA TRP B 98 -7.88 6.07 0.45
C TRP B 98 -9.14 6.55 -0.21
N TYR B 99 -9.78 5.69 -0.98
CA TYR B 99 -10.97 6.07 -1.66
C TYR B 99 -12.00 4.97 -1.66
N HIS B 100 -13.25 5.40 -1.72
CA HIS B 100 -14.39 4.51 -1.65
C HIS B 100 -15.39 4.86 -2.75
N MET B 101 -15.48 3.97 -3.73
CA MET B 101 -16.28 4.19 -4.94
C MET B 101 -17.08 2.92 -5.26
N SER B 102 -18.21 2.78 -4.58
CA SER B 102 -19.13 1.64 -4.69
C SER B 102 -20.43 2.14 -5.31
N GLY B 103 -20.99 1.38 -6.25
CA GLY B 103 -22.07 1.85 -7.12
C GLY B 103 -21.66 2.05 -8.56
N SER B 104 -22.54 1.67 -9.47
CA SER B 104 -22.27 1.73 -10.91
C SER B 104 -22.20 3.15 -11.47
N HIS B 105 -22.91 4.08 -10.84
CA HIS B 105 -22.89 5.49 -11.26
C HIS B 105 -22.41 6.43 -10.16
N VAL B 106 -21.37 5.98 -9.45
CA VAL B 106 -20.86 6.67 -8.28
C VAL B 106 -20.11 7.96 -8.64
N GLY B 107 -19.62 8.06 -9.88
CA GLY B 107 -18.93 9.25 -10.37
C GLY B 107 -17.49 8.95 -10.73
N THR B 108 -16.69 10.01 -10.89
CA THR B 108 -15.30 9.90 -11.28
C THR B 108 -14.42 10.71 -10.32
N LEU B 109 -13.26 10.15 -9.98
CA LEU B 109 -12.31 10.80 -9.10
C LEU B 109 -11.04 10.95 -9.87
N ARG B 110 -10.51 12.17 -9.92
CA ARG B 110 -9.29 12.45 -10.63
C ARG B 110 -8.35 13.13 -9.68
N VAL B 111 -7.06 12.87 -9.82
CA VAL B 111 -6.02 13.64 -9.14
C VAL B 111 -5.26 14.35 -10.22
N LYS B 112 -5.08 15.65 -10.02
CA LYS B 112 -4.36 16.48 -10.96
C LYS B 112 -3.27 17.25 -10.26
N LEU B 113 -2.20 17.55 -10.99
CA LEU B 113 -1.20 18.47 -10.54
C LEU B 113 -1.41 19.82 -11.23
N ARG B 114 -1.62 20.86 -10.43
CA ARG B 114 -1.81 22.21 -10.94
C ARG B 114 -0.51 23.01 -10.86
N TYR B 115 -0.03 23.44 -12.03
CA TYR B 115 1.15 24.31 -12.15
C TYR B 115 0.69 25.75 -12.45
N GLN B 116 1.59 26.69 -12.28
CA GLN B 116 1.33 28.11 -12.61
C GLN B 116 1.94 28.63 -13.93
N LYS B 117 3.02 28.02 -14.45
CA LYS B 117 3.99 28.80 -15.27
C LYS B 117 4.31 28.36 -16.71
N PRO B 118 3.28 28.10 -17.51
CA PRO B 118 3.14 29.03 -18.63
C PRO B 118 1.99 29.95 -18.19
N GLU B 119 0.81 29.36 -17.99
CA GLU B 119 -0.22 29.91 -17.11
C GLU B 119 -0.75 28.73 -16.23
N GLU B 120 -1.76 28.99 -15.41
CA GLU B 120 -2.34 27.96 -14.56
C GLU B 120 -2.97 26.83 -15.39
N TYR B 121 -2.44 25.61 -15.25
CA TYR B 121 -2.98 24.41 -15.93
C TYR B 121 -2.84 23.14 -15.07
N ASP B 122 -3.72 22.20 -15.35
CA ASP B 122 -3.86 20.96 -14.61
C ASP B 122 -3.33 19.78 -15.44
N GLN B 123 -2.59 18.90 -14.79
CA GLN B 123 -2.06 17.69 -15.42
C GLN B 123 -2.70 16.50 -14.72
N LEU B 124 -3.47 15.71 -15.47
CA LEU B 124 -4.12 14.49 -14.96
C LEU B 124 -3.09 13.40 -14.67
N VAL B 125 -3.00 12.95 -13.40
CA VAL B 125 -2.07 11.86 -13.02
C VAL B 125 -2.71 10.60 -12.44
N TRP B 126 -3.97 10.62 -12.06
CA TRP B 126 -4.64 9.46 -11.52
C TRP B 126 -6.11 9.60 -11.77
N MET B 127 -6.80 8.50 -12.06
CA MET B 127 -8.23 8.52 -12.34
C MET B 127 -8.95 7.18 -12.14
N ALA B 128 -10.13 7.26 -11.52
CA ALA B 128 -11.02 6.14 -11.27
C ALA B 128 -12.43 6.55 -11.71
N ILE B 129 -13.00 5.77 -12.63
CA ILE B 129 -14.31 6.03 -13.21
C ILE B 129 -15.20 4.90 -12.76
N GLY B 130 -16.33 5.24 -12.16
CA GLY B 130 -17.38 4.27 -11.79
C GLY B 130 -16.98 3.34 -10.65
N HIS B 131 -17.70 2.22 -10.55
CA HIS B 131 -17.47 1.22 -9.53
C HIS B 131 -16.01 0.78 -9.46
N GLN B 132 -15.43 0.82 -8.26
CA GLN B 132 -14.11 0.31 -8.00
C GLN B 132 -14.13 -0.87 -7.02
N GLY B 133 -15.24 -1.11 -6.33
CA GLY B 133 -15.31 -2.13 -5.29
C GLY B 133 -16.12 -1.65 -4.11
N ASP B 134 -16.48 -2.61 -3.26
CA ASP B 134 -17.36 -2.36 -2.08
C ASP B 134 -16.61 -2.13 -0.77
N HIS B 135 -15.41 -1.58 -0.87
CA HIS B 135 -14.51 -1.44 0.28
C HIS B 135 -13.59 -0.27 -0.02
N TRP B 136 -12.95 0.25 1.00
CA TRP B 136 -11.92 1.25 0.82
C TRP B 136 -10.71 0.66 0.08
N LYS B 137 -10.14 1.46 -0.82
CA LYS B 137 -8.95 1.10 -1.55
C LYS B 137 -7.88 2.17 -1.40
N GLU B 138 -6.62 1.74 -1.52
CA GLU B 138 -5.43 2.57 -1.36
C GLU B 138 -5.09 3.08 -2.75
N GLY B 139 -4.98 4.38 -2.93
CA GLY B 139 -4.43 4.93 -4.16
C GLY B 139 -3.11 5.61 -3.86
N ARG B 140 -2.18 5.61 -4.82
CA ARG B 140 -0.91 6.29 -4.66
C ARG B 140 -0.47 6.98 -5.92
N VAL B 141 0.19 8.12 -5.73
CA VAL B 141 0.59 8.99 -6.82
C VAL B 141 1.94 9.49 -6.42
N LEU B 142 2.89 9.38 -7.33
CA LEU B 142 4.22 9.95 -7.10
C LEU B 142 4.15 11.47 -7.31
N LEU B 143 4.56 12.23 -6.30
CA LEU B 143 4.71 13.69 -6.46
C LEU B 143 6.17 13.94 -6.83
N HIS B 144 6.40 13.97 -8.14
CA HIS B 144 7.75 14.02 -8.71
C HIS B 144 8.52 15.27 -8.32
N LYS B 145 9.84 15.17 -8.31
CA LYS B 145 10.73 16.29 -8.07
C LYS B 145 10.59 17.26 -9.25
N SER B 146 10.52 18.55 -8.94
CA SER B 146 10.27 19.56 -9.96
C SER B 146 10.58 20.94 -9.41
N LEU B 147 11.36 21.70 -10.16
CA LEU B 147 11.67 23.08 -9.82
C LEU B 147 10.46 23.95 -10.07
N LYS B 148 9.74 23.63 -11.13
CA LYS B 148 8.44 24.24 -11.41
C LYS B 148 7.43 23.79 -10.30
N LEU B 149 6.80 24.75 -9.62
CA LEU B 149 5.99 24.43 -8.43
C LEU B 149 4.58 23.96 -8.75
N TYR B 150 4.01 23.17 -7.87
CA TYR B 150 2.67 22.65 -8.09
C TYR B 150 1.89 22.34 -6.81
N GLN B 151 0.58 22.32 -7.00
CA GLN B 151 -0.37 21.88 -6.00
C GLN B 151 -1.07 20.63 -6.50
N VAL B 152 -1.61 19.88 -5.56
CA VAL B 152 -2.33 18.66 -5.88
C VAL B 152 -3.79 18.98 -5.77
N ILE B 153 -4.57 18.48 -6.74
CA ILE B 153 -6.01 18.64 -6.75
CA ILE B 153 -6.01 18.65 -6.79
C ILE B 153 -6.73 17.30 -6.70
N PHE B 154 -7.65 17.16 -5.76
CA PHE B 154 -8.61 16.04 -5.74
C PHE B 154 -9.93 16.51 -6.34
N GLU B 155 -10.24 15.95 -7.51
CA GLU B 155 -11.41 16.35 -8.25
C GLU B 155 -12.47 15.27 -8.24
N GLY B 156 -13.60 15.54 -7.60
CA GLY B 156 -14.77 14.65 -7.66
C GLY B 156 -15.74 15.11 -8.73
N GLU B 157 -16.10 14.22 -9.65
CA GLU B 157 -17.13 14.53 -10.63
C GLU B 157 -18.37 13.74 -10.29
N ILE B 158 -19.48 14.44 -10.07
CA ILE B 158 -20.70 13.84 -9.53
C ILE B 158 -21.23 12.85 -10.55
N GLY B 159 -21.59 11.65 -10.10
CA GLY B 159 -22.23 10.66 -10.97
C GLY B 159 -23.74 10.76 -10.87
N LYS B 160 -24.42 10.06 -11.77
CA LYS B 160 -25.91 10.10 -11.84
C LYS B 160 -26.62 9.19 -10.87
N GLY B 161 -25.89 8.31 -10.19
CA GLY B 161 -26.50 7.40 -9.20
C GLY B 161 -27.18 8.16 -8.08
N ASN B 162 -28.06 7.48 -7.38
CA ASN B 162 -28.78 8.08 -6.25
C ASN B 162 -28.54 7.36 -4.94
N LEU B 163 -27.55 6.47 -4.96
CA LEU B 163 -27.03 5.80 -3.78
C LEU B 163 -25.53 6.10 -3.71
N GLY B 164 -25.07 6.50 -2.53
CA GLY B 164 -23.65 6.58 -2.29
C GLY B 164 -22.96 7.73 -3.01
N GLY B 165 -21.69 7.53 -3.31
CA GLY B 165 -20.84 8.58 -3.86
C GLY B 165 -19.38 8.30 -3.59
N ILE B 166 -18.54 9.27 -3.89
CA ILE B 166 -17.10 9.10 -3.77
C ILE B 166 -16.66 9.58 -2.41
N ALA B 167 -16.02 8.70 -1.64
CA ALA B 167 -15.34 9.13 -0.41
C ALA B 167 -13.83 9.11 -0.59
N VAL B 168 -13.15 10.08 0.02
CA VAL B 168 -11.69 10.15 0.04
C VAL B 168 -11.29 10.46 1.47
N ASP B 169 -10.17 9.92 1.90
CA ASP B 169 -9.69 10.14 3.26
C ASP B 169 -8.20 9.93 3.33
N ASP B 170 -7.61 10.46 4.40
CA ASP B 170 -6.29 10.06 4.86
C ASP B 170 -5.25 10.26 3.75
N ILE B 171 -5.15 11.51 3.31
CA ILE B 171 -4.19 11.92 2.33
C ILE B 171 -2.90 12.20 3.09
N SER B 172 -1.81 11.65 2.60
CA SER B 172 -0.58 11.67 3.35
C SER B 172 0.66 11.52 2.45
N ILE B 173 1.73 12.20 2.85
CA ILE B 173 3.08 11.93 2.33
C ILE B 173 4.02 11.42 3.45
N ASN B 174 3.45 10.98 4.58
CA ASN B 174 4.24 10.46 5.72
C ASN B 174 4.49 8.93 5.55
N ASN B 175 5.44 8.62 4.68
CA ASN B 175 5.84 7.24 4.37
C ASN B 175 7.26 7.23 3.76
N HIS B 176 7.84 6.03 3.70
CA HIS B 176 9.14 5.81 3.08
C HIS B 176 8.98 4.71 2.03
N ILE B 177 8.35 5.09 0.93
CA ILE B 177 8.01 4.17 -0.17
C ILE B 177 8.92 4.54 -1.30
N SER B 178 9.61 3.56 -1.88
CA SER B 178 10.52 3.88 -2.98
C SER B 178 9.75 4.46 -4.18
N GLN B 179 10.40 5.39 -4.86
CA GLN B 179 9.79 6.14 -5.97
C GLN B 179 9.30 5.25 -7.08
N GLU B 180 10.08 4.23 -7.42
CA GLU B 180 9.76 3.32 -8.50
C GLU B 180 8.52 2.47 -8.20
N ASP B 181 8.23 2.24 -6.92
CA ASP B 181 7.08 1.42 -6.52
C ASP B 181 5.89 2.24 -6.01
N CYS B 182 6.02 3.56 -5.98
CA CYS B 182 4.97 4.45 -5.42
C CYS B 182 3.64 4.31 -6.19
N ALA B 183 3.67 4.57 -7.49
CA ALA B 183 2.44 4.59 -8.31
C ALA B 183 1.52 3.39 -8.07
N LYS B 184 0.27 3.67 -7.71
CA LYS B 184 -0.75 2.65 -7.54
C LYS B 184 -2.04 3.14 -8.20
N PRO B 185 -2.17 2.86 -9.51
CA PRO B 185 -3.34 3.35 -10.24
C PRO B 185 -4.65 2.73 -9.78
N ALA B 186 -5.76 3.33 -10.19
CA ALA B 186 -7.07 2.70 -10.02
C ALA B 186 -7.18 1.48 -10.95
N HIS B 187 -7.65 0.36 -10.40
CA HIS B 187 -8.06 -0.81 -11.20
C HIS B 187 -9.35 -0.47 -11.98
N HIS B 188 -9.19 0.38 -12.99
CA HIS B 188 -10.26 1.14 -13.70
C HIS B 188 -10.55 2.49 -13.03
CA CA C . 0.82 -4.90 7.32
CA CA D . 1.56 -0.68 3.66
N1 BCN E . 3.92 -0.11 2.52
C1 BCN E . 4.56 0.97 3.29
C2 BCN E . 3.50 1.86 3.86
O21 BCN E . 3.78 3.08 3.97
O22 BCN E . 2.40 1.35 4.20
C3 BCN E . 3.70 0.35 1.12
C4 BCN E . 2.25 0.70 0.87
O4 BCN E . 1.46 -0.43 1.26
C5 BCN E . 4.72 -1.35 2.57
C6 BCN E . 4.68 -2.02 3.95
O6 BCN E . 3.30 -2.21 4.28
C TAM F . 24.01 -4.55 -2.40
C1 TAM F . 22.67 -5.17 -2.77
C2 TAM F . 24.08 -3.15 -2.98
C3 TAM F . 24.04 -4.52 -0.89
C4 TAM F . 22.09 -4.92 -4.17
C5 TAM F . 25.01 -2.15 -2.37
C6 TAM F . 25.38 -4.48 -0.18
N TAM F . 25.06 -5.45 -2.92
O4 TAM F . 20.73 -5.29 -4.12
O5 TAM F . 26.36 -2.51 -2.56
O6 TAM F . 25.04 -3.77 1.01
CA CA G . -10.26 10.40 8.40
CA CA H . -8.97 5.10 8.20
N1 BCN I . -9.43 3.47 6.07
C1 BCN I . -10.55 2.55 6.36
C2 BCN I . -10.82 2.45 7.85
O21 BCN I . -10.31 3.21 8.70
O22 BCN I . -11.59 1.59 8.21
C3 BCN I . -8.19 2.70 5.94
C4 BCN I . -6.97 3.50 6.29
O4 BCN I . -7.17 4.21 7.52
C5 BCN I . -9.71 4.24 4.84
C6 BCN I . -10.59 5.44 5.16
O6 BCN I . -9.96 6.14 6.24
#